data_1T79
#
_entry.id   1T79
#
_cell.length_a   55.826
_cell.length_b   66.128
_cell.length_c   68.381
_cell.angle_alpha   90.00
_cell.angle_beta   90.00
_cell.angle_gamma   90.00
#
_symmetry.space_group_name_H-M   'P 21 21 21'
#
loop_
_entity.id
_entity.type
_entity.pdbx_description
1 polymer 'Androgen receptor'
2 polymer 'FxxLW motif peptide'
3 non-polymer 5-ALPHA-DIHYDROTESTOSTERONE
4 water water
#
loop_
_entity_poly.entity_id
_entity_poly.type
_entity_poly.pdbx_seq_one_letter_code
_entity_poly.pdbx_strand_id
1 'polypeptide(L)'
;GSPGISGGGGGSHIEGYECQPIFLNVLEAIEPGVVCAGHDNNQPDSFAALLSSLNELGERQLVHVVKWAKALPGFRNLHV
DDQMAVIQYSWMGLMVFAMGWRSFTNVNSRMLYFAPDLVFNEYRMHKSRMYSQCVRMRHLSQEFGWLQITPQEFLCMKAL
LLFSIIPVDGLKNQKFFDELRMNYIKELDRIIACKRKNPTSCSRRFYQLTKLLDSVQPIARELHQFTFDLLIKSHMVSVD
FPEMMAEIISVQVPKILSGKVKPIYFHTQ
;
A
2 'polypeptide(L)' SSKFAALWDPPKLSRSGSGK B
#
# COMPACT_ATOMS: atom_id res chain seq x y z
N CYS A 19 16.55 27.14 -2.10
CA CYS A 19 15.12 26.73 -2.07
C CYS A 19 14.97 25.35 -1.43
N GLN A 20 14.42 25.31 -0.22
CA GLN A 20 14.22 24.04 0.47
C GLN A 20 12.95 23.34 0.00
N PRO A 21 13.07 22.06 -0.37
CA PRO A 21 11.94 21.26 -0.85
C PRO A 21 10.99 20.88 0.29
N ILE A 22 10.09 21.79 0.62
CA ILE A 22 9.13 21.59 1.70
C ILE A 22 8.36 20.28 1.61
N PHE A 23 7.71 20.05 0.48
CA PHE A 23 6.92 18.84 0.28
C PHE A 23 7.69 17.55 0.56
N LEU A 24 8.84 17.39 -0.08
CA LEU A 24 9.65 16.19 0.13
C LEU A 24 10.18 16.12 1.55
N ASN A 25 10.50 17.28 2.12
CA ASN A 25 10.98 17.34 3.51
C ASN A 25 9.92 16.66 4.38
N VAL A 26 8.67 17.02 4.15
CA VAL A 26 7.57 16.45 4.93
C VAL A 26 7.42 14.95 4.74
N LEU A 27 7.37 14.50 3.50
CA LEU A 27 7.23 13.08 3.21
C LEU A 27 8.30 12.23 3.88
N GLU A 28 9.53 12.70 3.84
CA GLU A 28 10.65 11.99 4.44
C GLU A 28 10.46 11.94 5.95
N ALA A 29 10.09 13.09 6.52
CA ALA A 29 9.90 13.20 7.96
C ALA A 29 8.84 12.30 8.56
N ILE A 30 7.73 12.13 7.84
CA ILE A 30 6.62 11.32 8.35
C ILE A 30 6.68 9.83 7.98
N GLU A 31 7.64 9.44 7.16
CA GLU A 31 7.77 8.05 6.74
C GLU A 31 7.86 7.11 7.97
N PRO A 32 6.95 6.14 8.06
CA PRO A 32 6.90 5.19 9.16
C PRO A 32 8.20 4.43 9.40
N GLY A 33 8.48 4.14 10.67
CA GLY A 33 9.67 3.40 11.02
C GLY A 33 9.44 1.91 10.81
N VAL A 34 10.33 1.09 11.37
CA VAL A 34 10.22 -0.35 11.24
C VAL A 34 9.06 -0.91 12.05
N VAL A 35 8.35 -1.87 11.46
CA VAL A 35 7.22 -2.52 12.12
C VAL A 35 7.47 -4.03 12.08
N CYS A 36 7.40 -4.67 13.23
CA CYS A 36 7.61 -6.12 13.31
C CYS A 36 6.29 -6.85 13.40
N ALA A 37 6.27 -8.08 12.91
CA ALA A 37 5.06 -8.90 12.89
C ALA A 37 4.83 -9.71 14.16
N GLY A 38 5.89 -9.98 14.91
CA GLY A 38 5.75 -10.77 16.13
C GLY A 38 5.70 -12.26 15.82
N HIS A 39 6.17 -12.63 14.64
CA HIS A 39 6.16 -14.03 14.19
C HIS A 39 7.20 -14.90 14.90
N ASP A 40 6.83 -16.13 15.22
CA ASP A 40 7.76 -17.06 15.87
C ASP A 40 8.48 -17.87 14.80
N ASN A 41 9.68 -17.40 14.44
CA ASN A 41 10.47 -18.04 13.41
C ASN A 41 11.16 -19.32 13.88
N ASN A 42 10.98 -19.66 15.15
CA ASN A 42 11.59 -20.87 15.70
C ASN A 42 10.74 -22.10 15.45
N GLN A 43 9.49 -21.87 15.04
CA GLN A 43 8.56 -22.94 14.76
C GLN A 43 8.60 -23.28 13.28
N PRO A 44 8.31 -24.54 12.93
CA PRO A 44 8.32 -24.94 11.51
C PRO A 44 7.21 -24.12 10.87
N ASP A 45 7.37 -23.74 9.62
CA ASP A 45 6.35 -22.93 8.95
C ASP A 45 5.03 -23.68 8.78
N SER A 46 3.93 -22.97 8.96
CA SER A 46 2.60 -23.56 8.77
C SER A 46 1.75 -22.46 8.16
N PHE A 47 0.75 -22.85 7.37
CA PHE A 47 -0.13 -21.88 6.73
C PHE A 47 -0.79 -20.99 7.78
N ALA A 48 -1.38 -21.61 8.80
CA ALA A 48 -2.07 -20.87 9.85
C ALA A 48 -1.19 -19.83 10.56
N ALA A 49 0.03 -20.22 10.93
CA ALA A 49 0.92 -19.31 11.63
C ALA A 49 1.40 -18.16 10.74
N LEU A 50 1.75 -18.47 9.50
CA LEU A 50 2.22 -17.42 8.59
C LEU A 50 1.12 -16.39 8.31
N LEU A 51 -0.09 -16.85 8.00
CA LEU A 51 -1.18 -15.92 7.71
C LEU A 51 -1.64 -15.17 8.95
N SER A 52 -1.63 -15.81 10.11
CA SER A 52 -2.02 -15.12 11.33
C SER A 52 -1.00 -13.99 11.58
N SER A 53 0.27 -14.25 11.29
CA SER A 53 1.29 -13.24 11.50
C SER A 53 1.17 -12.10 10.49
N LEU A 54 0.80 -12.42 9.26
CA LEU A 54 0.63 -11.38 8.24
C LEU A 54 -0.55 -10.50 8.66
N ASN A 55 -1.59 -11.13 9.21
CA ASN A 55 -2.77 -10.38 9.66
C ASN A 55 -2.40 -9.43 10.80
N GLU A 56 -1.60 -9.89 11.75
CA GLU A 56 -1.18 -9.06 12.88
C GLU A 56 -0.29 -7.94 12.35
N LEU A 57 0.56 -8.26 11.39
CA LEU A 57 1.42 -7.24 10.79
C LEU A 57 0.52 -6.19 10.14
N GLY A 58 -0.55 -6.64 9.49
CA GLY A 58 -1.47 -5.70 8.86
C GLY A 58 -2.09 -4.79 9.90
N GLU A 59 -2.55 -5.38 11.01
CA GLU A 59 -3.17 -4.62 12.10
C GLU A 59 -2.18 -3.59 12.65
N ARG A 60 -0.92 -3.98 12.81
CA ARG A 60 0.09 -3.06 13.32
C ARG A 60 0.41 -1.98 12.30
N GLN A 61 0.57 -2.38 11.04
CA GLN A 61 0.88 -1.39 9.99
C GLN A 61 -0.26 -0.40 9.78
N LEU A 62 -1.49 -0.84 9.97
CA LEU A 62 -2.65 0.04 9.78
C LEU A 62 -2.55 1.26 10.70
N VAL A 63 -2.11 1.05 11.92
CA VAL A 63 -1.96 2.15 12.86
C VAL A 63 -0.96 3.17 12.32
N HIS A 64 0.19 2.68 11.85
CA HIS A 64 1.22 3.57 11.30
C HIS A 64 0.77 4.27 10.02
N VAL A 65 -0.01 3.58 9.19
CA VAL A 65 -0.48 4.19 7.94
C VAL A 65 -1.48 5.29 8.23
N VAL A 66 -2.32 5.11 9.26
CA VAL A 66 -3.29 6.13 9.64
C VAL A 66 -2.57 7.38 10.15
N LYS A 67 -1.59 7.18 11.01
CA LYS A 67 -0.83 8.30 11.56
C LYS A 67 -0.05 9.01 10.47
N TRP A 68 0.51 8.23 9.54
CA TRP A 68 1.26 8.76 8.41
C TRP A 68 0.33 9.60 7.52
N ALA A 69 -0.78 9.01 7.10
CA ALA A 69 -1.75 9.69 6.24
C ALA A 69 -2.26 10.99 6.84
N LYS A 70 -2.59 10.97 8.13
CA LYS A 70 -3.12 12.18 8.77
C LYS A 70 -2.10 13.31 8.82
N ALA A 71 -0.82 12.98 8.61
CA ALA A 71 0.26 13.97 8.63
C ALA A 71 0.70 14.41 7.23
N LEU A 72 0.04 13.87 6.21
CA LEU A 72 0.37 14.24 4.84
C LEU A 72 -0.13 15.65 4.54
N PRO A 73 0.63 16.40 3.72
CA PRO A 73 0.21 17.76 3.38
C PRO A 73 -1.21 17.74 2.80
N GLY A 74 -2.08 18.59 3.35
CA GLY A 74 -3.44 18.70 2.87
C GLY A 74 -4.46 17.62 3.22
N PHE A 75 -4.01 16.51 3.79
CA PHE A 75 -4.93 15.41 4.12
C PHE A 75 -6.06 15.82 5.06
N ARG A 76 -5.74 16.61 6.09
CA ARG A 76 -6.76 17.03 7.06
C ARG A 76 -7.89 17.83 6.41
N ASN A 77 -7.66 18.33 5.19
CA ASN A 77 -8.69 19.09 4.50
C ASN A 77 -9.84 18.24 3.98
N LEU A 78 -9.60 16.94 3.86
CA LEU A 78 -10.64 16.03 3.41
C LEU A 78 -11.65 15.85 4.54
N HIS A 79 -12.89 15.57 4.18
CA HIS A 79 -13.92 15.35 5.19
C HIS A 79 -13.44 14.15 5.99
N VAL A 80 -13.65 14.18 7.30
CA VAL A 80 -13.20 13.07 8.15
C VAL A 80 -13.66 11.70 7.66
N ASP A 81 -14.91 11.61 7.19
CA ASP A 81 -15.41 10.33 6.72
C ASP A 81 -14.61 9.86 5.49
N ASP A 82 -14.20 10.82 4.67
CA ASP A 82 -13.42 10.51 3.47
C ASP A 82 -11.99 10.13 3.85
N GLN A 83 -11.49 10.73 4.92
CA GLN A 83 -10.14 10.40 5.38
C GLN A 83 -10.09 8.91 5.73
N MET A 84 -11.12 8.46 6.44
CA MET A 84 -11.20 7.06 6.84
C MET A 84 -11.40 6.14 5.65
N ALA A 85 -12.33 6.50 4.76
CA ALA A 85 -12.64 5.69 3.60
C ALA A 85 -11.44 5.46 2.67
N VAL A 86 -10.71 6.53 2.33
CA VAL A 86 -9.56 6.35 1.43
C VAL A 86 -8.50 5.44 2.01
N ILE A 87 -8.34 5.48 3.32
CA ILE A 87 -7.37 4.61 3.99
C ILE A 87 -7.92 3.18 3.98
N GLN A 88 -9.21 3.04 4.24
CA GLN A 88 -9.84 1.72 4.24
C GLN A 88 -9.78 1.06 2.88
N TYR A 89 -9.75 1.86 1.81
CA TYR A 89 -9.70 1.28 0.47
C TYR A 89 -8.29 1.11 -0.08
N SER A 90 -7.38 1.99 0.33
CA SER A 90 -6.02 1.96 -0.20
C SER A 90 -4.93 1.29 0.63
N TRP A 91 -5.23 0.86 1.85
CA TRP A 91 -4.19 0.27 2.67
C TRP A 91 -3.45 -0.91 2.04
N MET A 92 -4.17 -1.80 1.36
CA MET A 92 -3.51 -2.94 0.72
C MET A 92 -2.43 -2.48 -0.26
N GLY A 93 -2.82 -1.62 -1.21
CA GLY A 93 -1.86 -1.12 -2.18
C GLY A 93 -0.68 -0.40 -1.55
N LEU A 94 -0.98 0.46 -0.58
CA LEU A 94 0.05 1.22 0.13
C LEU A 94 1.07 0.30 0.81
N MET A 95 0.57 -0.68 1.55
CA MET A 95 1.44 -1.61 2.26
C MET A 95 2.23 -2.53 1.34
N VAL A 96 1.61 -2.96 0.25
CA VAL A 96 2.28 -3.83 -0.71
C VAL A 96 3.40 -3.07 -1.39
N PHE A 97 3.15 -1.80 -1.70
CA PHE A 97 4.13 -0.95 -2.37
C PHE A 97 5.33 -0.71 -1.46
N ALA A 98 5.05 -0.40 -0.19
CA ALA A 98 6.12 -0.15 0.78
C ALA A 98 6.92 -1.44 1.01
N MET A 99 6.23 -2.58 1.00
CA MET A 99 6.88 -3.86 1.23
C MET A 99 7.83 -4.17 0.07
N GLY A 100 7.40 -3.84 -1.15
CA GLY A 100 8.25 -4.08 -2.31
C GLY A 100 9.51 -3.26 -2.23
N TRP A 101 9.40 -2.03 -1.74
CA TRP A 101 10.54 -1.15 -1.60
C TRP A 101 11.48 -1.70 -0.52
N ARG A 102 10.92 -2.17 0.60
CA ARG A 102 11.74 -2.75 1.66
C ARG A 102 12.49 -3.96 1.12
N SER A 103 11.81 -4.78 0.33
CA SER A 103 12.39 -5.99 -0.23
C SER A 103 13.57 -5.62 -1.13
N PHE A 104 13.37 -4.60 -1.96
CA PHE A 104 14.41 -4.14 -2.86
C PHE A 104 15.61 -3.59 -2.10
N THR A 105 15.38 -2.63 -1.21
CA THR A 105 16.46 -2.01 -0.45
C THR A 105 17.17 -2.91 0.55
N ASN A 106 16.42 -3.80 1.20
CA ASN A 106 17.01 -4.68 2.21
C ASN A 106 17.64 -5.97 1.69
N VAL A 107 16.97 -6.65 0.77
CA VAL A 107 17.49 -7.92 0.26
C VAL A 107 17.54 -8.02 -1.26
N ASN A 108 17.65 -6.86 -1.92
CA ASN A 108 17.71 -6.81 -3.37
C ASN A 108 16.66 -7.71 -4.04
N SER A 109 15.45 -7.68 -3.49
CA SER A 109 14.33 -8.45 -4.02
C SER A 109 14.51 -9.97 -4.02
N ARG A 110 15.50 -10.46 -3.26
CA ARG A 110 15.76 -11.90 -3.17
C ARG A 110 14.62 -12.59 -2.41
N MET A 111 13.94 -11.83 -1.56
CA MET A 111 12.82 -12.34 -0.78
C MET A 111 11.83 -11.21 -0.52
N LEU A 112 10.65 -11.56 -0.03
CA LEU A 112 9.64 -10.55 0.30
C LEU A 112 9.83 -10.18 1.76
N TYR A 113 10.24 -8.94 1.98
CA TYR A 113 10.53 -8.41 3.31
C TYR A 113 9.30 -7.75 3.94
N PHE A 114 8.35 -8.58 4.37
CA PHE A 114 7.14 -8.06 5.00
C PHE A 114 7.54 -7.32 6.27
N ALA A 115 8.46 -7.91 7.02
CA ALA A 115 8.95 -7.31 8.26
C ALA A 115 10.28 -7.96 8.60
N PRO A 116 11.07 -7.34 9.49
CA PRO A 116 12.36 -7.91 9.86
C PRO A 116 12.23 -9.36 10.33
N ASP A 117 11.13 -9.66 11.00
CA ASP A 117 10.88 -11.00 11.53
C ASP A 117 9.88 -11.79 10.69
N LEU A 118 9.63 -11.35 9.47
CA LEU A 118 8.71 -12.05 8.59
C LEU A 118 9.18 -11.86 7.16
N VAL A 119 10.19 -12.63 6.77
CA VAL A 119 10.77 -12.57 5.43
C VAL A 119 10.42 -13.86 4.70
N PHE A 120 9.81 -13.73 3.53
CA PHE A 120 9.38 -14.87 2.73
C PHE A 120 10.32 -15.30 1.61
N ASN A 121 10.80 -16.55 1.68
CA ASN A 121 11.61 -17.10 0.60
C ASN A 121 10.54 -17.82 -0.23
N GLU A 122 10.91 -18.45 -1.34
CA GLU A 122 9.91 -19.13 -2.17
C GLU A 122 9.12 -20.19 -1.40
N TYR A 123 9.80 -20.92 -0.52
CA TYR A 123 9.12 -21.96 0.26
C TYR A 123 7.94 -21.36 1.03
N ARG A 124 8.15 -20.21 1.67
CA ARG A 124 7.07 -19.58 2.42
C ARG A 124 6.00 -19.02 1.50
N MET A 125 6.41 -18.53 0.32
CA MET A 125 5.46 -18.01 -0.64
C MET A 125 4.48 -19.12 -1.01
N HIS A 126 5.01 -20.33 -1.16
CA HIS A 126 4.22 -21.50 -1.52
C HIS A 126 3.33 -21.93 -0.35
N LYS A 127 3.93 -21.98 0.84
CA LYS A 127 3.23 -22.37 2.05
C LYS A 127 2.06 -21.43 2.41
N SER A 128 2.18 -20.17 2.00
CA SER A 128 1.15 -19.16 2.28
C SER A 128 -0.11 -19.33 1.43
N ARG A 129 -0.02 -20.16 0.40
CA ARG A 129 -1.14 -20.40 -0.51
C ARG A 129 -1.45 -19.22 -1.42
N MET A 130 -0.55 -18.24 -1.46
CA MET A 130 -0.72 -17.09 -2.35
C MET A 130 0.60 -16.87 -3.07
N TYR A 131 1.13 -17.97 -3.59
CA TYR A 131 2.41 -17.93 -4.30
C TYR A 131 2.40 -17.00 -5.50
N SER A 132 1.40 -17.14 -6.38
CA SER A 132 1.33 -16.30 -7.57
C SER A 132 1.31 -14.82 -7.20
N GLN A 133 0.57 -14.48 -6.15
CA GLN A 133 0.52 -13.09 -5.71
C GLN A 133 1.90 -12.67 -5.21
N CYS A 134 2.56 -13.57 -4.49
CA CYS A 134 3.89 -13.28 -3.96
C CYS A 134 4.91 -13.07 -5.08
N VAL A 135 4.80 -13.86 -6.15
CA VAL A 135 5.73 -13.72 -7.26
C VAL A 135 5.52 -12.38 -7.94
N ARG A 136 4.27 -11.95 -8.03
CA ARG A 136 3.97 -10.67 -8.65
C ARG A 136 4.52 -9.54 -7.79
N MET A 137 4.49 -9.72 -6.47
CA MET A 137 5.03 -8.71 -5.57
C MET A 137 6.55 -8.71 -5.64
N ARG A 138 7.14 -9.86 -5.93
CA ARG A 138 8.60 -9.94 -6.05
C ARG A 138 8.97 -9.20 -7.35
N HIS A 139 8.11 -9.33 -8.35
CA HIS A 139 8.34 -8.66 -9.62
C HIS A 139 8.26 -7.16 -9.40
N LEU A 140 7.27 -6.72 -8.61
CA LEU A 140 7.10 -5.31 -8.29
C LEU A 140 8.38 -4.80 -7.63
N SER A 141 8.89 -5.57 -6.66
CA SER A 141 10.12 -5.21 -5.97
C SER A 141 11.30 -5.04 -6.92
N GLN A 142 11.44 -5.96 -7.87
CA GLN A 142 12.55 -5.89 -8.83
C GLN A 142 12.47 -4.64 -9.70
N GLU A 143 11.24 -4.20 -9.99
CA GLU A 143 11.06 -3.03 -10.82
C GLU A 143 11.62 -1.75 -10.19
N PHE A 144 11.67 -1.70 -8.86
CA PHE A 144 12.24 -0.53 -8.20
C PHE A 144 13.71 -0.46 -8.61
N GLY A 145 14.31 -1.62 -8.82
CA GLY A 145 15.71 -1.68 -9.23
C GLY A 145 15.88 -1.45 -10.72
N TRP A 146 15.07 -2.14 -11.52
CA TRP A 146 15.16 -2.02 -12.97
C TRP A 146 14.91 -0.59 -13.45
N LEU A 147 13.92 0.07 -12.85
CA LEU A 147 13.58 1.44 -13.22
C LEU A 147 14.42 2.48 -12.47
N GLN A 148 15.29 2.03 -11.56
CA GLN A 148 16.14 2.94 -10.79
C GLN A 148 15.29 3.98 -10.06
N ILE A 149 14.24 3.51 -9.38
CA ILE A 149 13.36 4.40 -8.63
C ILE A 149 14.16 5.04 -7.48
N THR A 150 14.11 6.37 -7.38
CA THR A 150 14.84 7.06 -6.33
C THR A 150 14.01 7.07 -5.06
N PRO A 151 14.65 7.28 -3.90
CA PRO A 151 13.89 7.31 -2.65
C PRO A 151 12.81 8.38 -2.66
N GLN A 152 13.09 9.49 -3.35
CA GLN A 152 12.14 10.58 -3.42
C GLN A 152 10.95 10.23 -4.32
N GLU A 153 11.21 9.48 -5.38
CA GLU A 153 10.12 9.06 -6.27
C GLU A 153 9.27 8.05 -5.50
N PHE A 154 9.91 7.18 -4.74
CA PHE A 154 9.17 6.19 -3.96
C PHE A 154 8.20 6.89 -3.01
N LEU A 155 8.71 7.84 -2.24
CA LEU A 155 7.88 8.58 -1.29
C LEU A 155 6.68 9.25 -1.95
N CYS A 156 6.92 9.97 -3.05
CA CYS A 156 5.84 10.67 -3.73
C CYS A 156 4.82 9.70 -4.34
N MET A 157 5.33 8.60 -4.89
CA MET A 157 4.46 7.59 -5.49
C MET A 157 3.62 6.91 -4.42
N LYS A 158 4.21 6.61 -3.29
CA LYS A 158 3.46 5.97 -2.21
C LYS A 158 2.32 6.86 -1.74
N ALA A 159 2.60 8.16 -1.63
CA ALA A 159 1.58 9.12 -1.22
C ALA A 159 0.44 9.11 -2.24
N LEU A 160 0.78 9.10 -3.53
CA LEU A 160 -0.24 9.09 -4.58
C LEU A 160 -1.14 7.87 -4.49
N LEU A 161 -0.59 6.75 -4.04
CA LEU A 161 -1.36 5.52 -3.90
C LEU A 161 -2.51 5.65 -2.91
N LEU A 162 -2.41 6.60 -1.99
CA LEU A 162 -3.47 6.79 -1.00
C LEU A 162 -4.69 7.45 -1.65
N PHE A 163 -4.45 8.11 -2.78
CA PHE A 163 -5.50 8.81 -3.51
C PHE A 163 -5.75 8.14 -4.86
N SER A 164 -5.71 6.81 -4.89
CA SER A 164 -5.89 6.09 -6.13
C SER A 164 -7.04 5.08 -6.18
N ILE A 165 -7.98 5.18 -5.25
CA ILE A 165 -9.11 4.26 -5.25
C ILE A 165 -10.29 4.93 -4.53
N ILE A 166 -11.36 5.15 -5.28
CA ILE A 166 -12.55 5.82 -4.74
C ILE A 166 -13.88 5.15 -5.08
N PRO A 167 -14.93 5.50 -4.33
CA PRO A 167 -16.28 4.95 -4.55
C PRO A 167 -16.93 5.53 -5.79
N VAL A 168 -17.64 4.68 -6.53
CA VAL A 168 -18.33 5.12 -7.73
C VAL A 168 -19.39 6.16 -7.35
N ASP A 169 -19.95 6.02 -6.14
CA ASP A 169 -20.97 6.95 -5.67
C ASP A 169 -20.38 8.28 -5.20
N GLY A 170 -19.06 8.40 -5.25
CA GLY A 170 -18.40 9.63 -4.84
C GLY A 170 -18.15 9.75 -3.35
N LEU A 171 -17.13 10.52 -2.99
CA LEU A 171 -16.78 10.76 -1.60
C LEU A 171 -17.68 11.89 -1.10
N LYS A 172 -17.69 12.14 0.20
CA LYS A 172 -18.53 13.21 0.74
C LYS A 172 -18.12 14.54 0.13
N ASN A 173 -16.82 14.80 0.05
CA ASN A 173 -16.36 16.01 -0.60
C ASN A 173 -15.36 15.59 -1.67
N GLN A 174 -15.89 15.06 -2.77
CA GLN A 174 -15.09 14.58 -3.88
C GLN A 174 -14.20 15.66 -4.48
N LYS A 175 -14.71 16.89 -4.51
CA LYS A 175 -13.93 17.98 -5.10
C LYS A 175 -12.61 18.23 -4.36
N PHE A 176 -12.64 18.22 -3.03
CA PHE A 176 -11.42 18.42 -2.26
C PHE A 176 -10.44 17.28 -2.54
N PHE A 177 -10.96 16.06 -2.66
CA PHE A 177 -10.11 14.90 -2.96
C PHE A 177 -9.45 15.07 -4.31
N ASP A 178 -10.22 15.48 -5.31
CA ASP A 178 -9.68 15.66 -6.65
C ASP A 178 -8.57 16.70 -6.65
N GLU A 179 -8.76 17.76 -5.87
CA GLU A 179 -7.77 18.83 -5.78
C GLU A 179 -6.49 18.31 -5.14
N LEU A 180 -6.64 17.53 -4.08
CA LEU A 180 -5.49 16.97 -3.37
C LEU A 180 -4.71 16.04 -4.29
N ARG A 181 -5.43 15.16 -4.98
CA ARG A 181 -4.81 14.21 -5.91
C ARG A 181 -4.05 14.96 -6.99
N MET A 182 -4.64 16.03 -7.51
CA MET A 182 -3.97 16.81 -8.55
C MET A 182 -2.66 17.39 -8.02
N ASN A 183 -2.68 17.87 -6.78
CA ASN A 183 -1.48 18.45 -6.21
C ASN A 183 -0.35 17.45 -6.02
N TYR A 184 -0.69 16.22 -5.64
CA TYR A 184 0.33 15.20 -5.48
C TYR A 184 0.91 14.79 -6.82
N ILE A 185 0.08 14.83 -7.85
CA ILE A 185 0.55 14.49 -9.19
C ILE A 185 1.53 15.58 -9.62
N LYS A 186 1.19 16.83 -9.30
CA LYS A 186 2.04 17.97 -9.63
C LYS A 186 3.40 17.85 -8.93
N GLU A 187 3.39 17.38 -7.69
CA GLU A 187 4.64 17.22 -6.94
C GLU A 187 5.49 16.14 -7.60
N LEU A 188 4.85 15.08 -8.10
CA LEU A 188 5.59 14.02 -8.77
C LEU A 188 6.24 14.60 -10.03
N ASP A 189 5.53 15.50 -10.70
CA ASP A 189 6.06 16.13 -11.91
C ASP A 189 7.34 16.87 -11.56
N ARG A 190 7.29 17.61 -10.46
CA ARG A 190 8.43 18.39 -10.01
C ARG A 190 9.63 17.51 -9.70
N ILE A 191 9.37 16.42 -8.99
CA ILE A 191 10.45 15.49 -8.62
C ILE A 191 11.08 14.91 -9.88
N ILE A 192 10.25 14.67 -10.88
CA ILE A 192 10.73 14.11 -12.15
C ILE A 192 11.56 15.13 -12.92
N ALA A 193 11.11 16.39 -12.89
CA ALA A 193 11.79 17.46 -13.60
C ALA A 193 13.15 17.78 -13.01
N CYS A 194 13.35 17.44 -11.74
CA CYS A 194 14.63 17.69 -11.08
C CYS A 194 15.73 16.92 -11.80
N LYS A 195 16.73 17.65 -12.29
CA LYS A 195 17.87 17.06 -13.02
C LYS A 195 17.51 16.64 -14.44
N ARG A 196 16.27 16.93 -14.84
CA ARG A 196 15.83 16.60 -16.20
C ARG A 196 15.49 17.89 -16.93
N LYS A 197 16.32 18.25 -17.90
CA LYS A 197 16.12 19.47 -18.67
C LYS A 197 15.32 19.17 -19.93
N ASN A 198 15.36 17.91 -20.36
CA ASN A 198 14.65 17.47 -21.55
C ASN A 198 13.20 17.14 -21.20
N PRO A 199 12.23 17.79 -21.87
CA PRO A 199 10.81 17.54 -21.61
C PRO A 199 10.40 16.12 -21.97
N THR A 200 11.09 15.55 -22.96
CA THR A 200 10.82 14.19 -23.41
C THR A 200 11.27 13.17 -22.38
N SER A 201 12.37 13.46 -21.70
CA SER A 201 12.88 12.54 -20.68
C SER A 201 11.93 12.55 -19.49
N CYS A 202 11.29 13.70 -19.25
CA CYS A 202 10.35 13.82 -18.15
C CYS A 202 9.09 13.02 -18.48
N SER A 203 8.60 13.18 -19.71
CA SER A 203 7.40 12.48 -20.15
C SER A 203 7.63 10.97 -20.07
N ARG A 204 8.78 10.53 -20.57
CA ARG A 204 9.10 9.12 -20.55
C ARG A 204 9.15 8.60 -19.11
N ARG A 205 9.71 9.39 -18.21
CA ARG A 205 9.78 8.97 -16.81
C ARG A 205 8.38 8.89 -16.20
N PHE A 206 7.55 9.87 -16.50
CA PHE A 206 6.18 9.89 -15.96
C PHE A 206 5.43 8.67 -16.48
N TYR A 207 5.72 8.28 -17.72
CA TYR A 207 5.08 7.12 -18.32
C TYR A 207 5.47 5.88 -17.51
N GLN A 208 6.74 5.76 -17.20
CA GLN A 208 7.24 4.61 -16.45
C GLN A 208 6.67 4.53 -15.06
N LEU A 209 6.64 5.65 -14.35
CA LEU A 209 6.14 5.66 -12.99
C LEU A 209 4.65 5.43 -12.87
N THR A 210 3.87 5.93 -13.82
CA THR A 210 2.42 5.72 -13.78
C THR A 210 2.10 4.28 -14.15
N LYS A 211 2.93 3.68 -15.00
CA LYS A 211 2.74 2.30 -15.36
C LYS A 211 2.99 1.45 -14.11
N LEU A 212 4.04 1.78 -13.37
CA LEU A 212 4.38 1.06 -12.15
C LEU A 212 3.25 1.18 -11.14
N LEU A 213 2.75 2.40 -10.96
CA LEU A 213 1.65 2.64 -10.01
C LEU A 213 0.41 1.82 -10.40
N ASP A 214 0.12 1.78 -11.69
CA ASP A 214 -1.02 1.00 -12.17
C ASP A 214 -0.85 -0.47 -11.85
N SER A 215 0.37 -0.99 -11.97
CA SER A 215 0.64 -2.40 -11.73
C SER A 215 0.36 -2.83 -10.29
N VAL A 216 0.32 -1.87 -9.38
CA VAL A 216 0.04 -2.20 -7.99
C VAL A 216 -1.41 -2.65 -7.78
N GLN A 217 -2.34 -2.03 -8.51
CA GLN A 217 -3.76 -2.33 -8.35
C GLN A 217 -4.21 -3.77 -8.61
N PRO A 218 -3.74 -4.40 -9.70
CA PRO A 218 -4.14 -5.79 -9.96
C PRO A 218 -3.68 -6.71 -8.82
N ILE A 219 -2.51 -6.40 -8.26
CA ILE A 219 -1.96 -7.19 -7.17
C ILE A 219 -2.83 -7.00 -5.94
N ALA A 220 -3.15 -5.74 -5.63
CA ALA A 220 -3.99 -5.45 -4.47
C ALA A 220 -5.33 -6.16 -4.59
N ARG A 221 -5.91 -6.15 -5.78
CA ARG A 221 -7.20 -6.82 -5.98
C ARG A 221 -7.11 -8.33 -5.73
N GLU A 222 -6.04 -8.95 -6.19
CA GLU A 222 -5.91 -10.39 -5.97
C GLU A 222 -5.76 -10.67 -4.47
N LEU A 223 -5.07 -9.79 -3.76
CA LEU A 223 -4.89 -9.96 -2.33
C LEU A 223 -6.20 -9.69 -1.60
N HIS A 224 -6.96 -8.73 -2.10
CA HIS A 224 -8.25 -8.40 -1.52
C HIS A 224 -9.15 -9.62 -1.60
N GLN A 225 -9.13 -10.29 -2.76
CA GLN A 225 -9.94 -11.48 -2.97
C GLN A 225 -9.49 -12.60 -2.04
N PHE A 226 -8.18 -12.79 -1.94
CA PHE A 226 -7.62 -13.83 -1.10
C PHE A 226 -7.93 -13.64 0.39
N THR A 227 -7.72 -12.43 0.89
CA THR A 227 -7.97 -12.17 2.29
C THR A 227 -9.46 -12.24 2.62
N PHE A 228 -10.30 -11.83 1.68
CA PHE A 228 -11.74 -11.90 1.91
C PHE A 228 -12.15 -13.36 2.06
N ASP A 229 -11.71 -14.21 1.14
CA ASP A 229 -12.04 -15.63 1.20
C ASP A 229 -11.52 -16.25 2.49
N LEU A 230 -10.31 -15.85 2.89
CA LEU A 230 -9.69 -16.37 4.10
C LEU A 230 -10.49 -15.99 5.35
N LEU A 231 -10.96 -14.75 5.42
CA LEU A 231 -11.74 -14.31 6.59
C LEU A 231 -13.01 -15.16 6.72
N ILE A 232 -13.69 -15.36 5.59
CA ILE A 232 -14.91 -16.14 5.55
C ILE A 232 -14.70 -17.56 6.07
N LYS A 233 -13.53 -18.13 5.83
CA LYS A 233 -13.25 -19.49 6.27
C LYS A 233 -12.19 -19.55 7.35
N SER A 234 -11.86 -18.41 7.95
CA SER A 234 -10.82 -18.33 8.97
C SER A 234 -10.96 -19.35 10.11
N HIS A 235 -12.17 -19.54 10.61
CA HIS A 235 -12.40 -20.48 11.69
C HIS A 235 -12.12 -21.91 11.24
N MET A 236 -12.24 -22.17 9.94
CA MET A 236 -11.99 -23.50 9.39
C MET A 236 -10.51 -23.82 9.22
N VAL A 237 -9.70 -22.79 8.98
CA VAL A 237 -8.26 -22.99 8.77
C VAL A 237 -7.38 -22.51 9.92
N SER A 238 -7.98 -22.14 11.04
CA SER A 238 -7.23 -21.68 12.20
C SER A 238 -6.42 -20.41 11.98
N VAL A 239 -6.96 -19.48 11.20
CA VAL A 239 -6.27 -18.22 10.96
C VAL A 239 -6.95 -17.11 11.76
N ASP A 240 -6.16 -16.40 12.55
CA ASP A 240 -6.70 -15.32 13.36
C ASP A 240 -6.65 -13.96 12.68
N PHE A 241 -7.77 -13.25 12.75
CA PHE A 241 -7.87 -11.91 12.19
C PHE A 241 -8.07 -10.91 13.32
N PRO A 242 -7.19 -9.91 13.42
CA PRO A 242 -7.28 -8.87 14.46
C PRO A 242 -8.52 -8.02 14.23
N GLU A 243 -8.92 -7.27 15.24
CA GLU A 243 -10.10 -6.40 15.20
C GLU A 243 -10.28 -5.48 13.99
N MET A 244 -9.34 -4.57 13.76
CA MET A 244 -9.48 -3.65 12.63
C MET A 244 -9.49 -4.37 11.28
N MET A 245 -8.58 -5.31 11.11
CA MET A 245 -8.49 -6.05 9.85
C MET A 245 -9.80 -6.76 9.53
N ALA A 246 -10.40 -7.40 10.54
CA ALA A 246 -11.65 -8.13 10.35
C ALA A 246 -12.78 -7.19 9.94
N GLU A 247 -12.82 -6.03 10.58
CA GLU A 247 -13.85 -5.05 10.29
C GLU A 247 -13.71 -4.49 8.88
N ILE A 248 -12.50 -4.10 8.52
CA ILE A 248 -12.26 -3.53 7.19
C ILE A 248 -12.47 -4.54 6.07
N ILE A 249 -12.02 -5.77 6.26
CA ILE A 249 -12.15 -6.77 5.23
C ILE A 249 -13.58 -7.28 5.06
N SER A 250 -14.40 -7.14 6.10
CA SER A 250 -15.79 -7.57 5.99
C SER A 250 -16.73 -6.43 5.60
N VAL A 251 -16.26 -5.19 5.74
CA VAL A 251 -17.10 -4.04 5.41
C VAL A 251 -16.68 -3.23 4.20
N GLN A 252 -15.40 -2.86 4.13
CA GLN A 252 -14.94 -2.06 2.98
C GLN A 252 -14.43 -2.87 1.81
N VAL A 253 -13.61 -3.89 2.08
CA VAL A 253 -13.07 -4.70 1.01
C VAL A 253 -14.14 -5.27 0.09
N PRO A 254 -15.30 -5.70 0.65
CA PRO A 254 -16.35 -6.25 -0.23
C PRO A 254 -16.90 -5.20 -1.20
N LYS A 255 -16.84 -3.92 -0.81
CA LYS A 255 -17.32 -2.84 -1.66
C LYS A 255 -16.43 -2.75 -2.89
N ILE A 256 -15.16 -3.07 -2.69
CA ILE A 256 -14.18 -3.06 -3.78
C ILE A 256 -14.39 -4.27 -4.68
N LEU A 257 -14.49 -5.44 -4.06
CA LEU A 257 -14.68 -6.66 -4.82
C LEU A 257 -16.00 -6.68 -5.60
N SER A 258 -17.02 -6.00 -5.09
CA SER A 258 -18.32 -5.97 -5.78
C SER A 258 -18.41 -4.86 -6.83
N GLY A 259 -17.31 -4.15 -7.05
CA GLY A 259 -17.28 -3.09 -8.05
C GLY A 259 -17.81 -1.72 -7.68
N LYS A 260 -18.16 -1.53 -6.42
CA LYS A 260 -18.68 -0.25 -5.97
C LYS A 260 -17.55 0.76 -5.71
N VAL A 261 -16.36 0.24 -5.45
CA VAL A 261 -15.18 1.08 -5.21
C VAL A 261 -14.15 0.62 -6.24
N LYS A 262 -13.60 1.57 -6.99
CA LYS A 262 -12.64 1.22 -8.03
C LYS A 262 -11.36 2.03 -8.04
N PRO A 263 -10.26 1.41 -8.49
CA PRO A 263 -8.97 2.09 -8.55
C PRO A 263 -9.00 3.10 -9.69
N ILE A 264 -8.16 4.11 -9.60
CA ILE A 264 -8.06 5.12 -10.63
C ILE A 264 -6.79 4.75 -11.40
N TYR A 265 -6.95 4.22 -12.61
CA TYR A 265 -5.81 3.83 -13.42
C TYR A 265 -5.37 5.00 -14.30
N PHE A 266 -4.07 5.10 -14.56
CA PHE A 266 -3.57 6.16 -15.43
C PHE A 266 -3.74 5.76 -16.88
N HIS A 267 -3.43 4.50 -17.18
CA HIS A 267 -3.51 3.97 -18.54
C HIS A 267 -4.74 3.09 -18.80
N THR A 268 -4.77 2.44 -19.97
CA THR A 268 -5.87 1.56 -20.37
C THR A 268 -7.20 2.35 -20.43
N SER B 2 -15.84 2.26 16.29
CA SER B 2 -14.94 1.08 16.19
C SER B 2 -13.51 1.46 16.52
N LYS B 3 -12.66 0.45 16.64
CA LYS B 3 -11.25 0.63 16.96
C LYS B 3 -10.52 1.48 15.92
N PHE B 4 -10.85 1.29 14.65
CA PHE B 4 -10.21 2.06 13.58
C PHE B 4 -10.64 3.52 13.66
N ALA B 5 -11.95 3.75 13.75
CA ALA B 5 -12.50 5.09 13.85
C ALA B 5 -11.92 5.84 15.05
N ALA B 6 -11.59 5.11 16.11
CA ALA B 6 -11.05 5.73 17.31
C ALA B 6 -9.71 6.43 17.07
N LEU B 7 -9.06 6.08 15.97
CA LEU B 7 -7.78 6.70 15.63
C LEU B 7 -7.95 8.17 15.28
N TRP B 8 -9.20 8.61 15.16
CA TRP B 8 -9.51 10.00 14.83
C TRP B 8 -10.04 10.78 16.04
N ASP B 9 -10.41 10.07 17.10
CA ASP B 9 -10.93 10.75 18.29
C ASP B 9 -9.88 11.65 18.92
#